data_1YWT
#
_entry.id   1YWT
#
_cell.length_a   56.173
_cell.length_b   137.093
_cell.length_c   155.313
_cell.angle_alpha   90.00
_cell.angle_beta   90.00
_cell.angle_gamma   90.00
#
_symmetry.space_group_name_H-M   'C 2 2 21'
#
loop_
_entity.id
_entity.type
_entity.pdbx_description
1 polymer '14-3-3 protein sigma'
2 polymer 'synthetic optimal phosphopeptide (mode-1)'
3 non-polymer 'CALCIUM ION'
4 water water
#
loop_
_entity_poly.entity_id
_entity_poly.type
_entity_poly.pdbx_seq_one_letter_code
_entity_poly.pdbx_strand_id
1 'polypeptide(L)'
;MERASLIQKAKLAEQAERYEDMAAFMKGAVEKGEELSCEERNLLSVAYKNVVGGQRAAWRVLSSIEQKSNEEGSEEKGPE
VREYREKVETELQGVCDTVLGLLDSHLIKEAGDAESRVFYLKMKGDYYRYLAEVATGDDKKRIIDSARSAYQEAMDISKK
EMPPTNPIRLGLALNFSVFHYEIANSPEEAISLAKTTFDEAMADLHTLSEDSYKDSTLIMQLLRDNLTLWTADNAGEEGG
EAPQEPQS
;
A,B
2 'polypeptide(L)' MARSH(SEP)YPAGKK C,D
#
loop_
_chem_comp.id
_chem_comp.type
_chem_comp.name
_chem_comp.formula
CA non-polymer 'CALCIUM ION' 'Ca 2'
#
# COMPACT_ATOMS: atom_id res chain seq x y z
N MET A 1 21.32 -7.79 -13.96
CA MET A 1 21.93 -6.46 -14.23
C MET A 1 22.94 -6.10 -13.15
N GLU A 2 23.72 -5.05 -13.40
CA GLU A 2 24.74 -4.59 -12.46
C GLU A 2 24.19 -4.32 -11.06
N ARG A 3 24.96 -4.70 -10.03
CA ARG A 3 24.57 -4.48 -8.64
C ARG A 3 24.21 -3.03 -8.37
N ALA A 4 25.04 -2.11 -8.86
CA ALA A 4 24.83 -0.69 -8.67
C ALA A 4 23.48 -0.22 -9.19
N SER A 5 23.01 -0.79 -10.30
CA SER A 5 21.73 -0.38 -10.81
C SER A 5 20.57 -1.05 -10.04
N LEU A 6 20.83 -2.23 -9.45
CA LEU A 6 19.81 -2.89 -8.63
C LEU A 6 19.57 -2.03 -7.39
N ILE A 7 20.64 -1.51 -6.81
CA ILE A 7 20.55 -0.65 -5.64
C ILE A 7 19.80 0.64 -6.02
N GLN A 8 20.15 1.22 -7.17
CA GLN A 8 19.48 2.43 -7.62
C GLN A 8 17.98 2.20 -7.81
N LYS A 9 17.63 1.07 -8.40
CA LYS A 9 16.21 0.80 -8.58
C LYS A 9 15.49 0.62 -7.25
N ALA A 10 16.18 0.04 -6.26
CA ALA A 10 15.57 -0.11 -4.94
C ALA A 10 15.25 1.27 -4.35
N LYS A 11 16.13 2.23 -4.60
CA LYS A 11 15.94 3.60 -4.14
C LYS A 11 14.80 4.28 -4.88
N LEU A 12 14.71 4.04 -6.18
CA LEU A 12 13.62 4.61 -6.96
C LEU A 12 12.29 4.02 -6.50
N ALA A 13 12.28 2.70 -6.30
CA ALA A 13 11.10 1.98 -5.84
C ALA A 13 10.64 2.52 -4.49
N GLU A 14 11.60 2.79 -3.61
CA GLU A 14 11.25 3.32 -2.30
C GLU A 14 10.57 4.67 -2.43
N GLN A 15 11.07 5.50 -3.35
CA GLN A 15 10.46 6.80 -3.56
C GLN A 15 9.08 6.65 -4.18
N ALA A 16 8.93 5.63 -5.02
CA ALA A 16 7.66 5.34 -5.68
C ALA A 16 6.72 4.58 -4.74
N GLU A 17 7.24 4.24 -3.57
CA GLU A 17 6.48 3.49 -2.58
C GLU A 17 6.06 2.11 -3.04
N ARG A 18 6.90 1.51 -3.88
CA ARG A 18 6.65 0.16 -4.34
C ARG A 18 7.62 -0.79 -3.65
N TYR A 19 7.31 -1.06 -2.39
CA TYR A 19 8.11 -1.90 -1.51
C TYR A 19 8.34 -3.30 -2.01
N GLU A 20 7.33 -3.87 -2.63
CA GLU A 20 7.48 -5.20 -3.17
C GLU A 20 8.60 -5.21 -4.23
N ASP A 21 8.58 -4.22 -5.10
CA ASP A 21 9.63 -4.12 -6.12
C ASP A 21 10.98 -3.87 -5.46
N MET A 22 10.98 -2.96 -4.50
CA MET A 22 12.19 -2.65 -3.75
C MET A 22 12.81 -3.91 -3.15
N ALA A 23 12.00 -4.68 -2.42
CA ALA A 23 12.49 -5.91 -1.81
C ALA A 23 13.15 -6.82 -2.83
N ALA A 24 12.52 -6.98 -3.99
CA ALA A 24 13.06 -7.83 -5.05
C ALA A 24 14.37 -7.26 -5.64
N PHE A 25 14.53 -5.95 -5.59
CA PHE A 25 15.75 -5.34 -6.10
C PHE A 25 16.88 -5.58 -5.12
N MET A 26 16.60 -5.37 -3.82
CA MET A 26 17.62 -5.63 -2.81
C MET A 26 17.99 -7.10 -2.77
N LYS A 27 17.03 -7.97 -3.04
CA LYS A 27 17.33 -9.40 -3.06
C LYS A 27 18.34 -9.72 -4.14
N GLY A 28 18.20 -9.06 -5.29
CA GLY A 28 19.13 -9.27 -6.38
C GLY A 28 20.50 -8.76 -5.96
N ALA A 29 20.51 -7.61 -5.29
CA ALA A 29 21.77 -7.05 -4.82
C ALA A 29 22.46 -8.02 -3.87
N VAL A 30 21.69 -8.54 -2.90
CA VAL A 30 22.23 -9.47 -1.93
C VAL A 30 22.80 -10.70 -2.59
N GLU A 31 22.14 -11.16 -3.64
CA GLU A 31 22.61 -12.34 -4.36
C GLU A 31 23.90 -12.10 -5.15
N LYS A 32 24.30 -10.84 -5.31
CA LYS A 32 25.53 -10.55 -6.02
C LYS A 32 26.76 -11.08 -5.26
N GLY A 33 26.60 -11.31 -3.95
CA GLY A 33 27.70 -11.84 -3.16
C GLY A 33 28.51 -10.83 -2.38
N GLU A 34 28.36 -9.55 -2.69
CA GLU A 34 29.09 -8.50 -1.99
C GLU A 34 28.39 -8.07 -0.70
N GLU A 35 29.17 -7.67 0.29
CA GLU A 35 28.59 -7.22 1.54
C GLU A 35 27.78 -5.97 1.34
N LEU A 36 26.75 -5.79 2.17
CA LEU A 36 25.92 -4.61 2.09
C LEU A 36 26.49 -3.52 2.98
N SER A 37 26.42 -2.28 2.53
CA SER A 37 26.90 -1.18 3.34
C SER A 37 25.83 -0.82 4.36
N CYS A 38 26.12 0.12 5.25
CA CYS A 38 25.10 0.48 6.20
C CYS A 38 23.83 0.95 5.51
N GLU A 39 23.95 1.91 4.59
CA GLU A 39 22.78 2.39 3.87
C GLU A 39 22.06 1.27 3.12
N GLU A 40 22.82 0.36 2.53
CA GLU A 40 22.22 -0.75 1.80
C GLU A 40 21.46 -1.71 2.71
N ARG A 41 21.97 -1.95 3.91
CA ARG A 41 21.27 -2.82 4.84
C ARG A 41 19.94 -2.21 5.25
N ASN A 42 19.92 -0.90 5.41
CA ASN A 42 18.69 -0.21 5.77
C ASN A 42 17.67 -0.27 4.64
N LEU A 43 18.16 -0.22 3.40
CA LEU A 43 17.28 -0.33 2.24
C LEU A 43 16.62 -1.70 2.23
N LEU A 44 17.42 -2.74 2.47
CA LEU A 44 16.93 -4.11 2.52
C LEU A 44 15.85 -4.32 3.58
N SER A 45 16.06 -3.78 4.79
CA SER A 45 15.08 -3.94 5.86
C SER A 45 13.83 -3.09 5.66
N VAL A 46 13.99 -1.88 5.13
CA VAL A 46 12.84 -1.03 4.85
C VAL A 46 11.91 -1.73 3.88
N ALA A 47 12.49 -2.27 2.82
CA ALA A 47 11.74 -2.98 1.81
C ALA A 47 10.85 -4.05 2.42
N TYR A 48 11.46 -5.15 2.85
CA TYR A 48 10.73 -6.26 3.42
C TYR A 48 9.85 -5.90 4.60
N LYS A 49 10.31 -4.97 5.44
CA LYS A 49 9.52 -4.55 6.57
C LYS A 49 8.17 -4.01 6.10
N ASN A 50 8.20 -3.12 5.10
CA ASN A 50 6.97 -2.56 4.55
C ASN A 50 6.11 -3.63 3.88
N VAL A 51 6.74 -4.59 3.22
CA VAL A 51 5.98 -5.65 2.57
C VAL A 51 5.24 -6.48 3.62
N VAL A 52 5.97 -6.91 4.63
CA VAL A 52 5.40 -7.72 5.71
C VAL A 52 4.48 -6.91 6.62
N GLY A 53 4.80 -5.64 6.83
CA GLY A 53 3.96 -4.81 7.67
C GLY A 53 2.53 -4.81 7.15
N GLY A 54 2.40 -4.86 5.82
CA GLY A 54 1.09 -4.87 5.20
C GLY A 54 0.34 -6.17 5.37
N GLN A 55 1.04 -7.30 5.24
CA GLN A 55 0.40 -8.59 5.40
C GLN A 55 -0.06 -8.80 6.85
N ARG A 56 0.81 -8.41 7.78
CA ARG A 56 0.50 -8.52 9.19
C ARG A 56 -0.78 -7.77 9.53
N ALA A 57 -0.76 -6.47 9.24
CA ALA A 57 -1.92 -5.62 9.50
C ALA A 57 -3.18 -6.20 8.88
N ALA A 58 -3.03 -6.87 7.73
CA ALA A 58 -4.17 -7.47 7.07
C ALA A 58 -4.61 -8.72 7.82
N TRP A 59 -3.64 -9.51 8.25
CA TRP A 59 -3.93 -10.72 9.01
C TRP A 59 -4.59 -10.38 10.33
N ARG A 60 -4.15 -9.28 10.94
CA ARG A 60 -4.73 -8.86 12.21
C ARG A 60 -6.14 -8.32 12.06
N VAL A 61 -6.50 -7.89 10.86
CA VAL A 61 -7.85 -7.42 10.63
C VAL A 61 -8.76 -8.62 10.41
N LEU A 62 -8.32 -9.53 9.56
CA LEU A 62 -9.07 -10.74 9.27
C LEU A 62 -9.24 -11.63 10.49
N SER A 63 -8.29 -11.54 11.43
CA SER A 63 -8.36 -12.35 12.64
C SER A 63 -9.43 -11.80 13.57
N SER A 64 -9.33 -10.53 13.92
CA SER A 64 -10.34 -9.92 14.79
C SER A 64 -11.73 -10.09 14.18
N ILE A 65 -11.83 -9.96 12.86
CA ILE A 65 -13.11 -10.13 12.19
C ILE A 65 -13.62 -11.54 12.45
N GLU A 66 -12.72 -12.51 12.36
CA GLU A 66 -13.05 -13.90 12.59
C GLU A 66 -13.29 -14.15 14.07
N GLN A 67 -12.65 -13.32 14.89
CA GLN A 67 -12.76 -13.39 16.34
C GLN A 67 -11.98 -14.58 16.94
N LYS A 68 -10.88 -14.94 16.28
CA LYS A 68 -10.01 -16.05 16.68
C LYS A 68 -10.72 -17.41 16.69
N SER A 69 -12.04 -17.38 16.60
CA SER A 69 -12.85 -18.57 16.60
C SER A 69 -14.31 -18.29 16.23
N ASN A 70 -15.05 -17.64 17.13
CA ASN A 70 -16.44 -17.29 16.90
C ASN A 70 -16.60 -16.22 15.82
N PRO A 79 -16.83 -19.33 7.25
CA PRO A 79 -16.25 -19.96 6.06
C PRO A 79 -15.27 -19.02 5.36
N GLU A 80 -15.79 -18.25 4.41
CA GLU A 80 -15.00 -17.29 3.63
C GLU A 80 -13.89 -16.62 4.43
N VAL A 81 -14.24 -16.08 5.58
CA VAL A 81 -13.29 -15.39 6.45
C VAL A 81 -12.09 -16.27 6.79
N ARG A 82 -12.35 -17.55 7.02
CA ARG A 82 -11.29 -18.49 7.36
C ARG A 82 -10.34 -18.69 6.19
N GLU A 83 -10.92 -18.99 5.04
CA GLU A 83 -10.18 -19.24 3.81
C GLU A 83 -9.28 -18.07 3.39
N TYR A 84 -9.79 -16.84 3.50
CA TYR A 84 -9.01 -15.68 3.13
C TYR A 84 -7.85 -15.41 4.09
N ARG A 85 -8.10 -15.55 5.39
CA ARG A 85 -7.04 -15.33 6.37
C ARG A 85 -5.89 -16.29 6.15
N GLU A 86 -6.22 -17.54 5.85
CA GLU A 86 -5.20 -18.55 5.60
C GLU A 86 -4.35 -18.19 4.39
N LYS A 87 -4.97 -17.58 3.38
CA LYS A 87 -4.25 -17.16 2.19
C LYS A 87 -3.29 -16.03 2.51
N VAL A 88 -3.71 -15.10 3.36
CA VAL A 88 -2.82 -14.01 3.74
C VAL A 88 -1.67 -14.55 4.56
N GLU A 89 -1.92 -15.62 5.30
CA GLU A 89 -0.88 -16.25 6.11
C GLU A 89 0.18 -16.81 5.22
N THR A 90 -0.25 -17.68 4.32
CA THR A 90 0.62 -18.33 3.36
C THR A 90 1.54 -17.31 2.72
N GLU A 91 0.97 -16.16 2.35
CA GLU A 91 1.75 -15.12 1.73
C GLU A 91 2.79 -14.55 2.68
N LEU A 92 2.35 -14.21 3.90
CA LEU A 92 3.25 -13.66 4.92
C LEU A 92 4.43 -14.60 5.14
N GLN A 93 4.12 -15.89 5.24
CA GLN A 93 5.12 -16.92 5.46
C GLN A 93 6.08 -16.98 4.28
N GLY A 94 5.55 -16.77 3.08
CA GLY A 94 6.35 -16.80 1.88
C GLY A 94 7.41 -15.71 1.94
N VAL A 95 6.98 -14.49 2.28
CA VAL A 95 7.90 -13.37 2.39
C VAL A 95 8.93 -13.62 3.49
N CYS A 96 8.45 -14.08 4.64
CA CYS A 96 9.33 -14.40 5.77
C CYS A 96 10.35 -15.45 5.37
N ASP A 97 9.90 -16.46 4.64
CA ASP A 97 10.78 -17.53 4.18
C ASP A 97 11.88 -17.02 3.25
N THR A 98 11.55 -16.18 2.27
CA THR A 98 12.61 -15.68 1.39
C THR A 98 13.55 -14.76 2.14
N VAL A 99 13.06 -14.04 3.15
CA VAL A 99 13.96 -13.20 3.94
C VAL A 99 14.93 -14.09 4.74
N LEU A 100 14.41 -15.18 5.30
CA LEU A 100 15.24 -16.11 6.08
C LEU A 100 16.27 -16.82 5.21
N GLY A 101 15.94 -17.08 3.95
CA GLY A 101 16.89 -17.74 3.07
C GLY A 101 17.98 -16.76 2.71
N LEU A 102 17.60 -15.51 2.52
CA LEU A 102 18.54 -14.45 2.17
C LEU A 102 19.59 -14.32 3.27
N LEU A 103 19.12 -14.37 4.52
CA LEU A 103 19.98 -14.25 5.69
C LEU A 103 20.83 -15.51 5.94
N ASP A 104 20.19 -16.67 5.87
CA ASP A 104 20.90 -17.93 6.14
C ASP A 104 21.78 -18.42 5.01
N SER A 105 21.41 -18.16 3.77
CA SER A 105 22.24 -18.62 2.68
C SER A 105 23.12 -17.53 2.06
N HIS A 106 23.15 -16.34 2.67
CA HIS A 106 23.98 -15.25 2.14
C HIS A 106 24.56 -14.30 3.18
N LEU A 107 23.69 -13.47 3.74
CA LEU A 107 24.05 -12.42 4.70
C LEU A 107 24.67 -12.80 6.04
N ILE A 108 24.15 -13.81 6.72
CA ILE A 108 24.70 -14.14 8.04
C ILE A 108 26.10 -14.75 8.00
N LYS A 109 26.96 -14.15 8.82
CA LYS A 109 28.36 -14.51 8.98
C LYS A 109 29.23 -14.15 7.79
N GLU A 110 28.65 -14.03 6.60
CA GLU A 110 29.45 -13.63 5.45
C GLU A 110 29.91 -12.19 5.70
N ALA A 111 29.54 -11.68 6.86
CA ALA A 111 29.87 -10.33 7.30
C ALA A 111 30.99 -10.33 8.34
N GLY A 112 31.65 -9.19 8.51
CA GLY A 112 32.74 -9.10 9.46
C GLY A 112 32.45 -8.29 10.72
N ASP A 113 32.22 -6.99 10.54
CA ASP A 113 31.96 -6.12 11.68
C ASP A 113 30.77 -6.54 12.54
N ALA A 114 30.90 -6.31 13.85
CA ALA A 114 29.85 -6.63 14.80
C ALA A 114 28.49 -6.10 14.37
N GLU A 115 28.45 -4.81 14.06
CA GLU A 115 27.20 -4.17 13.63
C GLU A 115 26.36 -5.02 12.71
N SER A 116 26.88 -5.29 11.51
CA SER A 116 26.14 -6.10 10.53
C SER A 116 25.75 -7.46 11.09
N ARG A 117 26.64 -8.11 11.82
CA ARG A 117 26.34 -9.41 12.40
C ARG A 117 25.12 -9.35 13.30
N VAL A 118 25.06 -8.33 14.14
CA VAL A 118 23.91 -8.14 15.03
C VAL A 118 22.66 -7.76 14.25
N PHE A 119 22.85 -6.97 13.19
CA PHE A 119 21.75 -6.52 12.34
C PHE A 119 21.02 -7.67 11.67
N TYR A 120 21.77 -8.62 11.15
CA TYR A 120 21.17 -9.77 10.46
C TYR A 120 20.57 -10.78 11.42
N LEU A 121 21.23 -11.00 12.55
CA LEU A 121 20.68 -11.93 13.52
C LEU A 121 19.40 -11.32 14.13
N LYS A 122 19.40 -10.00 14.27
CA LYS A 122 18.21 -9.32 14.76
C LYS A 122 17.08 -9.52 13.75
N MET A 123 17.39 -9.23 12.48
CA MET A 123 16.43 -9.41 11.40
C MET A 123 15.87 -10.83 11.40
N LYS A 124 16.75 -11.79 11.64
CA LYS A 124 16.35 -13.20 11.70
C LYS A 124 15.39 -13.44 12.86
N GLY A 125 15.63 -12.75 13.97
CA GLY A 125 14.76 -12.88 15.12
C GLY A 125 13.43 -12.24 14.79
N ASP A 126 13.50 -11.08 14.15
CA ASP A 126 12.31 -10.33 13.75
C ASP A 126 11.35 -11.12 12.86
N TYR A 127 11.89 -11.80 11.84
CA TYR A 127 10.99 -12.54 10.97
C TYR A 127 10.49 -13.87 11.54
N TYR A 128 11.27 -14.47 12.44
CA TYR A 128 10.77 -15.68 13.08
C TYR A 128 9.63 -15.23 14.00
N ARG A 129 9.76 -14.01 14.51
CA ARG A 129 8.72 -13.44 15.35
C ARG A 129 7.42 -13.24 14.55
N TYR A 130 7.54 -12.75 13.32
CA TYR A 130 6.35 -12.59 12.48
C TYR A 130 5.76 -13.94 12.15
N LEU A 131 6.61 -14.96 11.97
CA LEU A 131 6.07 -16.29 11.70
C LEU A 131 5.33 -16.81 12.93
N ALA A 132 5.88 -16.51 14.10
CA ALA A 132 5.26 -16.94 15.36
C ALA A 132 3.84 -16.39 15.53
N GLU A 133 3.69 -15.09 15.31
CA GLU A 133 2.38 -14.43 15.43
C GLU A 133 1.23 -15.20 14.79
N VAL A 134 1.47 -15.74 13.61
CA VAL A 134 0.42 -16.46 12.90
C VAL A 134 0.48 -17.96 13.12
N ALA A 135 1.37 -18.41 14.00
CA ALA A 135 1.49 -19.85 14.26
C ALA A 135 0.77 -20.26 15.54
N THR A 136 0.28 -21.50 15.56
CA THR A 136 -0.40 -22.06 16.73
C THR A 136 0.13 -23.44 17.08
N GLY A 137 -0.38 -24.00 18.17
CA GLY A 137 0.05 -25.31 18.59
C GLY A 137 1.54 -25.40 18.84
N ASP A 138 2.13 -26.55 18.49
CA ASP A 138 3.56 -26.75 18.71
C ASP A 138 4.42 -25.99 17.71
N ASP A 139 3.84 -25.72 16.54
CA ASP A 139 4.54 -24.97 15.50
C ASP A 139 5.06 -23.65 16.06
N LYS A 140 4.19 -22.97 16.79
CA LYS A 140 4.53 -21.70 17.41
C LYS A 140 5.71 -21.88 18.36
N LYS A 141 5.65 -22.94 19.16
CA LYS A 141 6.72 -23.20 20.09
C LYS A 141 8.07 -23.32 19.40
N ARG A 142 8.16 -24.19 18.38
CA ARG A 142 9.41 -24.36 17.67
C ARG A 142 9.91 -23.02 17.09
N ILE A 143 8.96 -22.24 16.57
CA ILE A 143 9.28 -20.95 15.97
C ILE A 143 9.77 -19.98 17.00
N ILE A 144 9.12 -19.95 18.15
CA ILE A 144 9.53 -19.08 19.23
C ILE A 144 10.96 -19.38 19.66
N ASP A 145 11.32 -20.67 19.65
CA ASP A 145 12.69 -21.06 20.01
C ASP A 145 13.74 -20.51 19.06
N SER A 146 13.57 -20.81 17.78
CA SER A 146 14.52 -20.33 16.79
C SER A 146 14.57 -18.81 16.71
N ALA A 147 13.49 -18.15 17.12
CA ALA A 147 13.48 -16.69 17.14
C ALA A 147 14.32 -16.22 18.32
N ARG A 148 14.12 -16.92 19.45
CA ARG A 148 14.85 -16.62 20.67
C ARG A 148 16.34 -16.84 20.50
N SER A 149 16.73 -17.97 19.89
CA SER A 149 18.14 -18.23 19.71
C SER A 149 18.82 -17.20 18.81
N ALA A 150 18.14 -16.77 17.73
CA ALA A 150 18.74 -15.76 16.87
C ALA A 150 18.89 -14.43 17.61
N TYR A 151 17.83 -14.00 18.30
CA TYR A 151 17.89 -12.76 19.08
C TYR A 151 18.97 -12.82 20.16
N GLN A 152 19.08 -13.98 20.81
CA GLN A 152 20.06 -14.15 21.87
C GLN A 152 21.47 -13.99 21.34
N GLU A 153 21.76 -14.68 20.23
CA GLU A 153 23.09 -14.60 19.66
C GLU A 153 23.42 -13.16 19.32
N ALA A 154 22.42 -12.44 18.81
CA ALA A 154 22.60 -11.05 18.48
C ALA A 154 22.87 -10.28 19.76
N MET A 155 22.13 -10.62 20.82
CA MET A 155 22.31 -9.97 22.11
C MET A 155 23.70 -10.25 22.66
N ASP A 156 24.16 -11.49 22.54
CA ASP A 156 25.49 -11.84 23.03
C ASP A 156 26.57 -11.03 22.36
N ILE A 157 26.45 -10.82 21.06
CA ILE A 157 27.44 -10.03 20.33
C ILE A 157 27.34 -8.54 20.64
N SER A 158 26.12 -7.99 20.71
CA SER A 158 26.02 -6.55 20.98
C SER A 158 26.57 -6.18 22.34
N LYS A 159 26.29 -7.01 23.35
CA LYS A 159 26.77 -6.76 24.71
C LYS A 159 28.29 -6.81 24.78
N LYS A 160 28.88 -7.57 23.86
CA LYS A 160 30.32 -7.74 23.83
C LYS A 160 31.06 -6.80 22.88
N GLU A 161 30.40 -6.35 21.83
CA GLU A 161 31.06 -5.50 20.83
C GLU A 161 30.64 -4.03 20.82
N MET A 162 29.42 -3.73 21.24
CA MET A 162 28.94 -2.35 21.20
C MET A 162 28.63 -1.75 22.58
N PRO A 163 28.57 -0.40 22.65
CA PRO A 163 28.26 0.34 23.88
C PRO A 163 26.75 0.35 24.09
N PRO A 164 26.31 0.66 25.32
CA PRO A 164 24.88 0.70 25.64
C PRO A 164 24.04 1.64 24.79
N THR A 165 24.68 2.60 24.11
CA THR A 165 23.94 3.57 23.31
C THR A 165 23.84 3.26 21.82
N ASN A 166 24.63 2.30 21.33
CA ASN A 166 24.54 1.99 19.91
C ASN A 166 23.08 1.73 19.52
N PRO A 167 22.55 2.52 18.57
CA PRO A 167 21.17 2.38 18.10
C PRO A 167 20.77 0.95 17.73
N ILE A 168 21.68 0.23 17.07
CA ILE A 168 21.38 -1.15 16.68
C ILE A 168 21.23 -2.05 17.92
N ARG A 169 22.07 -1.82 18.91
CA ARG A 169 21.98 -2.62 20.13
C ARG A 169 20.64 -2.33 20.81
N LEU A 170 20.24 -1.06 20.80
CA LEU A 170 18.97 -0.66 21.41
C LEU A 170 17.79 -1.27 20.66
N GLY A 171 17.87 -1.23 19.34
CA GLY A 171 16.82 -1.78 18.50
C GLY A 171 16.63 -3.26 18.79
N LEU A 172 17.73 -3.99 18.84
CA LEU A 172 17.69 -5.42 19.13
C LEU A 172 17.03 -5.65 20.48
N ALA A 173 17.51 -4.92 21.49
CA ALA A 173 16.97 -5.02 22.83
C ALA A 173 15.49 -4.69 22.84
N LEU A 174 15.12 -3.64 22.11
CA LEU A 174 13.72 -3.25 22.02
C LEU A 174 12.89 -4.38 21.44
N ASN A 175 13.28 -4.87 20.28
CA ASN A 175 12.54 -5.94 19.64
C ASN A 175 12.53 -7.22 20.47
N PHE A 176 13.66 -7.54 21.10
CA PHE A 176 13.72 -8.74 21.92
C PHE A 176 12.73 -8.65 23.08
N SER A 177 12.59 -7.46 23.67
CA SER A 177 11.66 -7.25 24.76
C SER A 177 10.23 -7.40 24.27
N VAL A 178 9.97 -6.87 23.07
CA VAL A 178 8.64 -7.00 22.49
C VAL A 178 8.32 -8.47 22.30
N PHE A 179 9.34 -9.25 21.92
CA PHE A 179 9.20 -10.69 21.72
C PHE A 179 8.76 -11.39 23.02
N HIS A 180 9.37 -10.99 24.13
CA HIS A 180 9.04 -11.55 25.44
C HIS A 180 7.61 -11.27 25.87
N TYR A 181 7.12 -10.08 25.54
CA TYR A 181 5.78 -9.69 25.95
C TYR A 181 4.65 -10.18 25.06
N GLU A 182 4.77 -9.88 23.76
CA GLU A 182 3.75 -10.24 22.78
C GLU A 182 3.82 -11.67 22.28
N ILE A 183 4.99 -12.27 22.33
CA ILE A 183 5.14 -13.62 21.81
C ILE A 183 5.49 -14.71 22.82
N ALA A 184 6.52 -14.46 23.62
CA ALA A 184 6.97 -15.44 24.61
C ALA A 184 6.11 -15.48 25.87
N ASN A 185 5.18 -14.53 25.96
CA ASN A 185 4.28 -14.43 27.11
C ASN A 185 4.99 -14.29 28.44
N SER A 186 6.17 -13.67 28.42
CA SER A 186 6.93 -13.45 29.64
C SER A 186 7.13 -11.95 29.87
N PRO A 187 6.07 -11.27 30.37
CA PRO A 187 5.99 -9.84 30.67
C PRO A 187 7.11 -9.32 31.56
N GLU A 188 7.27 -9.96 32.71
CA GLU A 188 8.32 -9.56 33.65
C GLU A 188 9.68 -9.50 32.98
N GLU A 189 10.08 -10.59 32.34
CA GLU A 189 11.36 -10.63 31.65
C GLU A 189 11.42 -9.56 30.56
N ALA A 190 10.28 -9.31 29.91
CA ALA A 190 10.19 -8.30 28.88
C ALA A 190 10.41 -6.91 29.47
N ILE A 191 9.86 -6.70 30.66
CA ILE A 191 9.98 -5.41 31.35
C ILE A 191 11.39 -5.14 31.87
N SER A 192 12.01 -6.16 32.47
CA SER A 192 13.35 -5.98 33.02
C SER A 192 14.37 -5.70 31.92
N LEU A 193 14.25 -6.40 30.80
CA LEU A 193 15.17 -6.17 29.69
C LEU A 193 15.06 -4.72 29.22
N ALA A 194 13.84 -4.25 29.04
CA ALA A 194 13.59 -2.88 28.62
C ALA A 194 14.13 -1.86 29.62
N LYS A 195 13.86 -2.08 30.90
CA LYS A 195 14.36 -1.18 31.94
C LYS A 195 15.88 -1.09 31.89
N THR A 196 16.52 -2.24 32.04
CA THR A 196 17.97 -2.32 32.01
C THR A 196 18.55 -1.70 30.74
N THR A 197 18.01 -2.11 29.60
CA THR A 197 18.46 -1.59 28.32
C THR A 197 18.41 -0.08 28.28
N PHE A 198 17.35 0.46 28.88
CA PHE A 198 17.16 1.90 28.93
C PHE A 198 18.12 2.59 29.90
N ASP A 199 18.18 2.09 31.13
CA ASP A 199 19.06 2.68 32.13
C ASP A 199 20.51 2.69 31.68
N GLU A 200 21.04 1.51 31.35
CA GLU A 200 22.42 1.40 30.91
C GLU A 200 22.73 2.38 29.78
N ALA A 201 21.69 2.73 29.01
CA ALA A 201 21.84 3.68 27.92
C ALA A 201 22.02 5.09 28.46
N MET A 202 21.28 5.39 29.53
CA MET A 202 21.35 6.70 30.18
C MET A 202 22.73 6.98 30.75
N ALA A 203 23.12 6.14 31.72
CA ALA A 203 24.42 6.26 32.38
C ALA A 203 25.55 6.01 31.38
N ASP A 204 25.54 6.80 30.33
CA ASP A 204 26.52 6.70 29.26
C ASP A 204 26.19 7.72 28.16
N LEU A 205 25.00 8.28 28.28
CA LEU A 205 24.51 9.27 27.33
C LEU A 205 25.17 10.63 27.52
N HIS A 206 25.62 10.90 28.74
CA HIS A 206 26.28 12.16 29.05
C HIS A 206 27.55 12.37 28.22
N THR A 207 27.90 11.36 27.44
CA THR A 207 29.08 11.42 26.60
C THR A 207 28.74 11.12 25.15
N LEU A 208 27.46 10.87 24.89
CA LEU A 208 27.01 10.58 23.54
C LEU A 208 26.68 11.84 22.76
N SER A 209 27.57 12.22 21.84
CA SER A 209 27.38 13.40 21.02
C SER A 209 26.26 13.21 20.00
N GLU A 210 25.67 14.31 19.54
CA GLU A 210 24.61 14.24 18.54
C GLU A 210 25.03 13.44 17.32
N ASP A 211 26.30 13.06 17.30
CA ASP A 211 26.88 12.26 16.23
C ASP A 211 26.15 10.92 16.13
N SER A 212 25.24 10.72 17.08
CA SER A 212 24.42 9.52 17.18
C SER A 212 23.40 9.61 18.31
N TYR A 213 23.46 10.72 19.05
CA TYR A 213 22.53 10.95 20.15
C TYR A 213 21.09 10.84 19.69
N LYS A 214 20.79 11.50 18.58
CA LYS A 214 19.45 11.48 18.01
C LYS A 214 18.94 10.05 17.88
N ASP A 215 19.75 9.21 17.23
CA ASP A 215 19.43 7.81 17.01
C ASP A 215 18.95 7.13 18.28
N SER A 216 19.88 6.97 19.22
CA SER A 216 19.57 6.32 20.51
C SER A 216 18.37 6.95 21.21
N THR A 217 18.32 8.27 21.21
CA THR A 217 17.22 8.99 21.85
C THR A 217 15.86 8.57 21.30
N LEU A 218 15.82 8.34 19.98
CA LEU A 218 14.59 7.91 19.34
C LEU A 218 14.15 6.54 19.84
N ILE A 219 15.11 5.62 19.90
CA ILE A 219 14.83 4.27 20.37
C ILE A 219 14.59 4.24 21.87
N MET A 220 15.33 5.04 22.62
CA MET A 220 15.13 5.09 24.06
C MET A 220 13.69 5.45 24.40
N GLN A 221 13.11 6.30 23.58
CA GLN A 221 11.73 6.72 23.76
C GLN A 221 10.77 5.55 23.60
N LEU A 222 11.02 4.74 22.56
CA LEU A 222 10.19 3.57 22.29
C LEU A 222 10.24 2.56 23.42
N LEU A 223 11.37 2.52 24.13
CA LEU A 223 11.53 1.60 25.25
C LEU A 223 10.67 2.02 26.43
N ARG A 224 10.64 3.32 26.70
CA ARG A 224 9.83 3.84 27.80
C ARG A 224 8.34 3.77 27.49
N ASP A 225 7.99 3.97 26.21
CA ASP A 225 6.59 3.89 25.81
C ASP A 225 6.06 2.48 26.03
N ASN A 226 6.89 1.50 25.69
CA ASN A 226 6.52 0.10 25.89
C ASN A 226 6.49 -0.21 27.38
N LEU A 227 7.47 0.35 28.08
CA LEU A 227 7.55 0.17 29.52
C LEU A 227 6.29 0.72 30.17
N THR A 228 5.86 1.88 29.68
CA THR A 228 4.67 2.53 30.18
C THR A 228 3.40 1.74 29.84
N LEU A 229 3.32 1.23 28.61
CA LEU A 229 2.14 0.48 28.20
C LEU A 229 2.06 -0.90 28.84
N TRP A 230 3.22 -1.48 29.15
CA TRP A 230 3.24 -2.80 29.78
C TRP A 230 2.93 -2.71 31.27
N THR A 231 2.73 -1.50 31.75
CA THR A 231 2.42 -1.24 33.16
C THR A 231 1.16 -0.37 33.31
N MET B 1 -15.38 -20.48 -6.90
CA MET B 1 -16.33 -20.45 -5.75
C MET B 1 -17.62 -19.72 -6.10
N GLU B 2 -18.52 -19.64 -5.12
CA GLU B 2 -19.82 -18.97 -5.31
C GLU B 2 -19.73 -17.46 -5.32
N ARG B 3 -20.54 -16.82 -6.15
CA ARG B 3 -20.57 -15.37 -6.23
C ARG B 3 -20.76 -14.76 -4.85
N ALA B 4 -21.65 -15.36 -4.08
CA ALA B 4 -21.94 -14.87 -2.74
C ALA B 4 -20.69 -14.74 -1.87
N SER B 5 -19.80 -15.72 -1.95
CA SER B 5 -18.57 -15.69 -1.16
C SER B 5 -17.51 -14.75 -1.76
N LEU B 6 -17.50 -14.66 -3.09
CA LEU B 6 -16.57 -13.77 -3.77
C LEU B 6 -16.81 -12.35 -3.30
N ILE B 7 -18.09 -12.00 -3.22
CA ILE B 7 -18.51 -10.68 -2.75
C ILE B 7 -18.09 -10.50 -1.31
N GLN B 8 -18.20 -11.59 -0.54
CA GLN B 8 -17.83 -11.56 0.86
C GLN B 8 -16.34 -11.37 1.07
N LYS B 9 -15.53 -12.00 0.24
CA LYS B 9 -14.09 -11.87 0.36
C LYS B 9 -13.60 -10.46 -0.03
N ALA B 10 -14.31 -9.81 -0.95
CA ALA B 10 -13.93 -8.46 -1.35
C ALA B 10 -14.11 -7.51 -0.16
N LYS B 11 -15.25 -7.66 0.52
CA LYS B 11 -15.53 -6.84 1.70
C LYS B 11 -14.45 -7.05 2.76
N LEU B 12 -13.98 -8.29 2.87
CA LEU B 12 -12.93 -8.62 3.81
C LEU B 12 -11.62 -7.98 3.35
N ALA B 13 -11.36 -8.10 2.06
CA ALA B 13 -10.17 -7.52 1.45
C ALA B 13 -10.10 -6.02 1.72
N GLU B 14 -11.19 -5.30 1.44
CA GLU B 14 -11.21 -3.86 1.69
C GLU B 14 -10.97 -3.54 3.17
N GLN B 15 -11.43 -4.43 4.03
CA GLN B 15 -11.23 -4.25 5.47
C GLN B 15 -9.75 -4.28 5.83
N ALA B 16 -9.06 -5.27 5.27
CA ALA B 16 -7.63 -5.47 5.50
C ALA B 16 -6.78 -4.64 4.55
N GLU B 17 -7.44 -3.75 3.81
CA GLU B 17 -6.78 -2.87 2.85
C GLU B 17 -5.90 -3.59 1.85
N ARG B 18 -6.39 -4.73 1.37
CA ARG B 18 -5.71 -5.52 0.36
C ARG B 18 -6.48 -5.44 -0.95
N TYR B 19 -6.36 -4.27 -1.57
CA TYR B 19 -7.05 -3.91 -2.80
C TYR B 19 -6.78 -4.81 -3.99
N GLU B 20 -5.55 -5.29 -4.12
CA GLU B 20 -5.28 -6.17 -5.23
C GLU B 20 -6.15 -7.42 -5.12
N ASP B 21 -6.22 -8.00 -3.93
CA ASP B 21 -7.05 -9.18 -3.69
C ASP B 21 -8.52 -8.81 -3.90
N MET B 22 -8.90 -7.66 -3.38
CA MET B 22 -10.28 -7.19 -3.50
C MET B 22 -10.72 -7.06 -4.96
N ALA B 23 -9.87 -6.48 -5.81
CA ALA B 23 -10.19 -6.33 -7.22
C ALA B 23 -10.33 -7.68 -7.93
N ALA B 24 -9.52 -8.65 -7.54
CA ALA B 24 -9.57 -9.98 -8.14
C ALA B 24 -10.89 -10.67 -7.79
N PHE B 25 -11.27 -10.60 -6.51
CA PHE B 25 -12.52 -11.20 -6.08
C PHE B 25 -13.67 -10.61 -6.89
N MET B 26 -13.77 -9.28 -6.90
CA MET B 26 -14.82 -8.61 -7.66
C MET B 26 -14.82 -9.06 -9.11
N LYS B 27 -13.64 -9.22 -9.69
CA LYS B 27 -13.57 -9.68 -11.07
C LYS B 27 -14.20 -11.07 -11.21
N GLY B 28 -13.97 -11.93 -10.22
CA GLY B 28 -14.53 -13.26 -10.24
C GLY B 28 -16.05 -13.21 -10.10
N ALA B 29 -16.51 -12.27 -9.29
CA ALA B 29 -17.94 -12.08 -9.08
C ALA B 29 -18.62 -11.58 -10.35
N VAL B 30 -17.92 -10.72 -11.09
CA VAL B 30 -18.47 -10.16 -12.32
C VAL B 30 -18.63 -11.24 -13.38
N GLU B 31 -17.58 -12.03 -13.58
CA GLU B 31 -17.61 -13.07 -14.59
C GLU B 31 -18.64 -14.17 -14.29
N LYS B 32 -19.29 -14.05 -13.13
CA LYS B 32 -20.33 -15.02 -12.78
C LYS B 32 -21.54 -14.83 -13.68
N GLY B 33 -21.57 -13.71 -14.41
CA GLY B 33 -22.65 -13.44 -15.34
C GLY B 33 -23.77 -12.49 -14.91
N GLU B 34 -24.00 -12.39 -13.60
CA GLU B 34 -25.06 -11.51 -13.09
C GLU B 34 -24.61 -10.09 -12.82
N GLU B 35 -25.52 -9.15 -13.08
CA GLU B 35 -25.27 -7.73 -12.86
C GLU B 35 -24.93 -7.44 -11.41
N LEU B 36 -24.31 -6.29 -11.16
CA LEU B 36 -23.95 -5.92 -9.80
C LEU B 36 -24.89 -4.88 -9.24
N SER B 37 -25.15 -4.96 -7.93
CA SER B 37 -26.00 -3.99 -7.27
C SER B 37 -25.23 -2.71 -7.03
N CYS B 38 -25.91 -1.67 -6.58
CA CYS B 38 -25.21 -0.42 -6.33
C CYS B 38 -24.04 -0.63 -5.39
N GLU B 39 -24.28 -1.39 -4.33
CA GLU B 39 -23.24 -1.69 -3.35
C GLU B 39 -22.07 -2.43 -4.01
N GLU B 40 -22.38 -3.44 -4.81
CA GLU B 40 -21.35 -4.21 -5.50
C GLU B 40 -20.55 -3.34 -6.46
N ARG B 41 -21.24 -2.45 -7.17
CA ARG B 41 -20.61 -1.54 -8.11
C ARG B 41 -19.51 -0.72 -7.46
N ASN B 42 -19.80 -0.20 -6.28
CA ASN B 42 -18.83 0.60 -5.57
C ASN B 42 -17.64 -0.21 -5.12
N LEU B 43 -17.89 -1.47 -4.74
CA LEU B 43 -16.79 -2.33 -4.34
C LEU B 43 -15.82 -2.46 -5.52
N LEU B 44 -16.39 -2.63 -6.71
CA LEU B 44 -15.60 -2.76 -7.93
C LEU B 44 -14.74 -1.53 -8.24
N SER B 45 -15.31 -0.33 -8.20
CA SER B 45 -14.50 0.84 -8.51
C SER B 45 -13.51 1.15 -7.39
N VAL B 46 -13.90 0.89 -6.14
CA VAL B 46 -12.97 1.13 -5.04
C VAL B 46 -11.74 0.23 -5.13
N ALA B 47 -11.97 -1.04 -5.43
CA ALA B 47 -10.86 -1.99 -5.56
C ALA B 47 -9.91 -1.58 -6.66
N TYR B 48 -10.43 -1.37 -7.86
CA TYR B 48 -9.59 -0.99 -8.98
C TYR B 48 -9.01 0.42 -8.88
N LYS B 49 -9.76 1.33 -8.26
CA LYS B 49 -9.26 2.69 -8.09
C LYS B 49 -8.00 2.67 -7.21
N ASN B 50 -8.05 1.87 -6.14
CA ASN B 50 -6.91 1.78 -5.25
C ASN B 50 -5.73 1.10 -5.92
N VAL B 51 -5.97 0.00 -6.62
CA VAL B 51 -4.89 -0.69 -7.32
C VAL B 51 -4.21 0.22 -8.33
N VAL B 52 -5.01 0.81 -9.20
CA VAL B 52 -4.48 1.70 -10.22
C VAL B 52 -3.89 2.99 -9.64
N GLY B 53 -4.47 3.47 -8.53
CA GLY B 53 -3.99 4.68 -7.90
C GLY B 53 -2.54 4.55 -7.46
N GLY B 54 -2.20 3.39 -6.91
CA GLY B 54 -0.84 3.16 -6.48
C GLY B 54 0.11 3.24 -7.65
N GLN B 55 -0.25 2.58 -8.74
CA GLN B 55 0.57 2.58 -9.95
C GLN B 55 0.72 3.97 -10.56
N ARG B 56 -0.38 4.70 -10.66
CA ARG B 56 -0.34 6.05 -11.21
C ARG B 56 0.59 6.93 -10.40
N ALA B 57 0.53 6.79 -9.08
CA ALA B 57 1.38 7.57 -8.19
C ALA B 57 2.84 7.19 -8.38
N ALA B 58 3.08 5.89 -8.45
CA ALA B 58 4.43 5.40 -8.68
C ALA B 58 4.97 6.02 -9.98
N TRP B 59 4.18 5.90 -11.04
CA TRP B 59 4.53 6.42 -12.35
C TRP B 59 4.89 7.90 -12.30
N ARG B 60 4.03 8.72 -11.71
CA ARG B 60 4.27 10.16 -11.59
C ARG B 60 5.57 10.47 -10.84
N VAL B 61 5.82 9.73 -9.75
CA VAL B 61 7.03 9.93 -8.98
C VAL B 61 8.23 9.67 -9.86
N LEU B 62 8.20 8.54 -10.54
CA LEU B 62 9.28 8.15 -11.42
C LEU B 62 9.48 9.10 -12.60
N SER B 63 8.43 9.32 -13.39
CA SER B 63 8.59 10.21 -14.54
C SER B 63 9.16 11.58 -14.16
N SER B 64 8.81 12.09 -12.98
CA SER B 64 9.35 13.38 -12.57
C SER B 64 10.83 13.25 -12.23
N ILE B 65 11.20 12.12 -11.63
CA ILE B 65 12.61 11.89 -11.31
C ILE B 65 13.41 11.74 -12.60
N GLU B 66 12.77 11.19 -13.62
CA GLU B 66 13.41 11.02 -14.90
C GLU B 66 13.68 12.35 -15.60
N GLN B 67 12.71 13.25 -15.52
CA GLN B 67 12.84 14.57 -16.12
C GLN B 67 13.77 15.48 -15.33
N LYS B 68 13.77 15.34 -14.02
CA LYS B 68 14.62 16.15 -13.16
C LYS B 68 16.06 15.63 -13.10
N SER B 69 16.76 15.77 -14.22
CA SER B 69 18.15 15.32 -14.32
C SER B 69 18.34 13.89 -13.82
N PRO B 79 19.81 5.46 -16.86
CA PRO B 79 19.28 4.26 -17.53
C PRO B 79 18.18 3.53 -16.74
N GLU B 80 18.38 3.44 -15.42
CA GLU B 80 17.46 2.75 -14.51
C GLU B 80 16.06 3.37 -14.36
N VAL B 81 16.00 4.69 -14.28
CA VAL B 81 14.72 5.37 -14.11
C VAL B 81 13.74 5.01 -15.21
N ARG B 82 14.19 5.13 -16.45
CA ARG B 82 13.36 4.81 -17.59
C ARG B 82 12.91 3.35 -17.58
N GLU B 83 13.86 2.42 -17.45
CA GLU B 83 13.52 1.00 -17.43
C GLU B 83 12.48 0.67 -16.36
N TYR B 84 12.61 1.29 -15.19
CA TYR B 84 11.66 1.03 -14.14
C TYR B 84 10.32 1.72 -14.39
N ARG B 85 10.36 2.95 -14.92
CA ARG B 85 9.10 3.63 -15.23
C ARG B 85 8.29 2.81 -16.21
N GLU B 86 8.97 2.25 -17.20
CA GLU B 86 8.30 1.43 -18.19
C GLU B 86 7.69 0.18 -17.58
N LYS B 87 8.36 -0.42 -16.60
CA LYS B 87 7.79 -1.60 -15.94
C LYS B 87 6.49 -1.25 -15.25
N VAL B 88 6.52 -0.17 -14.48
CA VAL B 88 5.33 0.31 -13.78
C VAL B 88 4.21 0.64 -14.76
N GLU B 89 4.58 1.32 -15.84
CA GLU B 89 3.65 1.73 -16.89
C GLU B 89 2.95 0.53 -17.52
N THR B 90 3.74 -0.50 -17.80
CA THR B 90 3.22 -1.71 -18.42
C THR B 90 2.27 -2.43 -17.48
N GLU B 91 2.60 -2.42 -16.20
CA GLU B 91 1.77 -3.04 -15.19
C GLU B 91 0.47 -2.27 -15.04
N LEU B 92 0.54 -0.94 -15.18
CA LEU B 92 -0.65 -0.12 -15.08
C LEU B 92 -1.57 -0.33 -16.28
N GLN B 93 -0.98 -0.47 -17.46
CA GLN B 93 -1.79 -0.71 -18.67
C GLN B 93 -2.47 -2.07 -18.61
N GLY B 94 -1.87 -3.01 -17.88
CA GLY B 94 -2.45 -4.32 -17.74
C GLY B 94 -3.77 -4.24 -16.98
N VAL B 95 -3.76 -3.50 -15.87
CA VAL B 95 -4.96 -3.32 -15.07
C VAL B 95 -6.05 -2.57 -15.86
N CYS B 96 -5.70 -1.48 -16.51
CA CYS B 96 -6.67 -0.74 -17.29
C CYS B 96 -7.32 -1.61 -18.37
N ASP B 97 -6.53 -2.44 -19.05
CA ASP B 97 -7.11 -3.33 -20.07
C ASP B 97 -8.03 -4.35 -19.44
N THR B 98 -7.69 -4.77 -18.23
CA THR B 98 -8.52 -5.72 -17.52
C THR B 98 -9.87 -5.08 -17.15
N VAL B 99 -9.82 -3.89 -16.55
CA VAL B 99 -11.03 -3.17 -16.19
C VAL B 99 -11.89 -2.88 -17.42
N LEU B 100 -11.25 -2.38 -18.47
CA LEU B 100 -11.95 -2.07 -19.71
C LEU B 100 -12.59 -3.30 -20.37
N GLY B 101 -11.91 -4.44 -20.29
CA GLY B 101 -12.45 -5.65 -20.89
C GLY B 101 -13.65 -6.12 -20.10
N LEU B 102 -13.55 -5.98 -18.79
CA LEU B 102 -14.61 -6.37 -17.87
C LEU B 102 -15.85 -5.53 -18.16
N LEU B 103 -15.62 -4.26 -18.47
CA LEU B 103 -16.70 -3.35 -18.77
C LEU B 103 -17.34 -3.61 -20.11
N ASP B 104 -16.53 -3.83 -21.14
CA ASP B 104 -17.06 -4.05 -22.47
C ASP B 104 -17.78 -5.37 -22.70
N SER B 105 -17.46 -6.40 -21.94
CA SER B 105 -18.13 -7.67 -22.17
C SER B 105 -18.96 -8.21 -21.01
N HIS B 106 -19.19 -7.38 -19.99
CA HIS B 106 -19.97 -7.84 -18.83
C HIS B 106 -20.82 -6.76 -18.17
N LEU B 107 -20.34 -5.51 -18.19
CA LEU B 107 -21.05 -4.43 -17.51
C LEU B 107 -21.74 -3.39 -18.37
N ILE B 108 -21.03 -2.75 -19.28
CA ILE B 108 -21.65 -1.72 -20.10
C ILE B 108 -22.92 -2.16 -20.83
N LYS B 109 -23.96 -1.35 -20.67
CA LYS B 109 -25.29 -1.59 -21.23
C LYS B 109 -25.76 -3.03 -21.09
N GLU B 110 -25.16 -3.75 -20.15
CA GLU B 110 -25.56 -5.12 -19.86
C GLU B 110 -26.72 -5.10 -18.87
N ALA B 111 -27.13 -3.88 -18.53
CA ALA B 111 -28.23 -3.62 -17.60
C ALA B 111 -29.30 -2.72 -18.22
N GLY B 112 -30.09 -2.08 -17.37
CA GLY B 112 -31.13 -1.19 -17.87
C GLY B 112 -31.10 0.18 -17.22
N ASP B 113 -30.97 0.22 -15.89
CA ASP B 113 -30.95 1.48 -15.16
C ASP B 113 -30.03 2.53 -15.76
N ALA B 114 -30.46 3.78 -15.68
CA ALA B 114 -29.65 4.87 -16.19
C ALA B 114 -28.41 5.07 -15.30
N GLU B 115 -28.58 4.87 -14.00
CA GLU B 115 -27.47 5.01 -13.06
C GLU B 115 -26.39 3.97 -13.30
N SER B 116 -26.79 2.72 -13.45
CA SER B 116 -25.82 1.68 -13.71
C SER B 116 -25.12 1.90 -15.05
N ARG B 117 -25.86 2.40 -16.05
CA ARG B 117 -25.26 2.66 -17.35
C ARG B 117 -24.26 3.81 -17.32
N VAL B 118 -24.62 4.89 -16.63
CA VAL B 118 -23.73 6.02 -16.54
C VAL B 118 -22.49 5.66 -15.74
N PHE B 119 -22.70 4.92 -14.64
CA PHE B 119 -21.60 4.49 -13.80
C PHE B 119 -20.53 3.73 -14.62
N TYR B 120 -20.95 2.70 -15.35
CA TYR B 120 -20.03 1.92 -16.17
C TYR B 120 -19.36 2.72 -17.29
N LEU B 121 -20.11 3.57 -17.99
CA LEU B 121 -19.50 4.37 -19.04
C LEU B 121 -18.50 5.39 -18.46
N LYS B 122 -18.78 5.91 -17.27
CA LYS B 122 -17.84 6.83 -16.66
C LYS B 122 -16.55 6.07 -16.34
N MET B 123 -16.72 4.88 -15.81
CA MET B 123 -15.58 4.04 -15.47
C MET B 123 -14.72 3.76 -16.72
N LYS B 124 -15.38 3.58 -17.86
CA LYS B 124 -14.65 3.38 -19.10
C LYS B 124 -13.86 4.63 -19.45
N GLY B 125 -14.45 5.79 -19.23
CA GLY B 125 -13.79 7.06 -19.50
C GLY B 125 -12.57 7.22 -18.60
N ASP B 126 -12.73 6.95 -17.31
CA ASP B 126 -11.60 7.07 -16.37
C ASP B 126 -10.41 6.18 -16.73
N TYR B 127 -10.66 4.92 -17.07
CA TYR B 127 -9.55 4.03 -17.39
C TYR B 127 -8.88 4.34 -18.73
N TYR B 128 -9.64 4.86 -19.68
CA TYR B 128 -9.00 5.28 -20.90
C TYR B 128 -8.20 6.53 -20.56
N ARG B 129 -8.75 7.37 -19.68
CA ARG B 129 -8.04 8.57 -19.25
C ARG B 129 -6.68 8.21 -18.62
N TYR B 130 -6.66 7.17 -17.79
CA TYR B 130 -5.40 6.77 -17.17
C TYR B 130 -4.44 6.26 -18.22
N LEU B 131 -4.96 5.47 -19.16
CA LEU B 131 -4.13 4.97 -20.25
C LEU B 131 -3.57 6.16 -21.03
N ALA B 132 -4.37 7.22 -21.13
CA ALA B 132 -3.91 8.42 -21.84
C ALA B 132 -2.79 9.15 -21.09
N GLU B 133 -2.80 9.08 -19.76
CA GLU B 133 -1.76 9.77 -18.99
C GLU B 133 -0.36 9.28 -19.30
N VAL B 134 -0.22 8.02 -19.69
CA VAL B 134 1.09 7.43 -19.98
C VAL B 134 1.37 7.13 -21.46
N ALA B 135 0.43 7.44 -22.35
CA ALA B 135 0.63 7.18 -23.78
C ALA B 135 1.34 8.33 -24.48
N THR B 136 1.88 8.02 -25.66
CA THR B 136 2.57 9.02 -26.49
C THR B 136 2.02 9.10 -27.90
N GLY B 137 2.25 10.25 -28.54
CA GLY B 137 1.80 10.53 -29.90
C GLY B 137 0.98 9.50 -30.65
N ASP B 138 -0.14 9.94 -31.23
CA ASP B 138 -1.05 9.09 -32.00
C ASP B 138 -1.76 8.01 -31.18
N ASP B 139 -1.01 7.18 -30.46
CA ASP B 139 -1.66 6.19 -29.61
C ASP B 139 -2.44 6.96 -28.54
N LYS B 140 -1.87 8.10 -28.17
CA LYS B 140 -2.50 8.97 -27.19
C LYS B 140 -3.79 9.56 -27.76
N LYS B 141 -3.73 10.06 -28.99
CA LYS B 141 -4.90 10.63 -29.66
C LYS B 141 -6.04 9.61 -29.77
N ARG B 142 -5.72 8.37 -30.05
CA ARG B 142 -6.74 7.35 -30.15
C ARG B 142 -7.38 7.08 -28.79
N ILE B 143 -6.52 6.94 -27.78
CA ILE B 143 -6.97 6.67 -26.41
C ILE B 143 -7.79 7.83 -25.88
N ILE B 144 -7.32 9.04 -26.14
CA ILE B 144 -8.00 10.25 -25.69
C ILE B 144 -9.40 10.34 -26.28
N ASP B 145 -9.53 9.99 -27.55
CA ASP B 145 -10.82 10.06 -28.20
C ASP B 145 -11.77 8.98 -27.72
N SER B 146 -11.25 7.82 -27.35
CA SER B 146 -12.13 6.78 -26.86
C SER B 146 -12.56 7.09 -25.43
N ALA B 147 -11.76 7.90 -24.74
CA ALA B 147 -12.08 8.31 -23.39
C ALA B 147 -13.22 9.33 -23.40
N ARG B 148 -13.12 10.28 -24.32
CA ARG B 148 -14.13 11.32 -24.46
C ARG B 148 -15.49 10.81 -24.92
N SER B 149 -15.51 9.85 -25.85
CA SER B 149 -16.79 9.35 -26.31
C SER B 149 -17.51 8.60 -25.20
N ALA B 150 -16.73 7.99 -24.31
CA ALA B 150 -17.32 7.29 -23.19
C ALA B 150 -17.89 8.31 -22.18
N TYR B 151 -17.12 9.35 -21.89
CA TYR B 151 -17.60 10.38 -20.97
C TYR B 151 -18.82 11.08 -21.53
N GLN B 152 -18.73 11.46 -22.80
CA GLN B 152 -19.82 12.15 -23.46
C GLN B 152 -21.11 11.32 -23.48
N GLU B 153 -20.99 10.02 -23.77
CA GLU B 153 -22.18 9.19 -23.79
C GLU B 153 -22.79 9.06 -22.39
N ALA B 154 -21.92 9.04 -21.38
CA ALA B 154 -22.37 8.95 -20.00
C ALA B 154 -23.03 10.26 -19.60
N MET B 155 -22.48 11.35 -20.14
CA MET B 155 -22.98 12.69 -19.90
C MET B 155 -24.36 12.90 -20.53
N ASP B 156 -24.52 12.42 -21.76
CA ASP B 156 -25.80 12.54 -22.45
C ASP B 156 -26.91 11.82 -21.68
N ILE B 157 -26.58 10.65 -21.15
CA ILE B 157 -27.55 9.86 -20.40
C ILE B 157 -27.88 10.49 -19.06
N SER B 158 -26.88 11.11 -18.43
CA SER B 158 -27.12 11.70 -17.12
C SER B 158 -27.98 12.96 -17.18
N LYS B 159 -27.80 13.75 -18.22
CA LYS B 159 -28.57 14.98 -18.38
C LYS B 159 -30.02 14.75 -18.75
N LYS B 160 -30.33 13.56 -19.23
CA LYS B 160 -31.70 13.23 -19.60
C LYS B 160 -32.39 12.34 -18.57
N GLU B 161 -31.59 11.59 -17.80
CA GLU B 161 -32.11 10.66 -16.80
C GLU B 161 -31.89 11.04 -15.33
N MET B 162 -30.99 11.97 -15.05
CA MET B 162 -30.72 12.30 -13.65
C MET B 162 -30.78 13.77 -13.28
N PRO B 163 -31.23 14.07 -12.05
CA PRO B 163 -31.31 15.46 -11.58
C PRO B 163 -29.88 15.97 -11.39
N PRO B 164 -29.67 17.30 -11.47
CA PRO B 164 -28.34 17.90 -11.31
C PRO B 164 -27.59 17.64 -10.01
N THR B 165 -28.19 16.93 -9.06
CA THR B 165 -27.50 16.67 -7.81
C THR B 165 -27.21 15.19 -7.57
N ASN B 166 -27.65 14.33 -8.48
CA ASN B 166 -27.37 12.92 -8.34
C ASN B 166 -25.85 12.74 -8.30
N PRO B 167 -25.33 12.08 -7.26
CA PRO B 167 -23.88 11.88 -7.11
C PRO B 167 -23.12 11.21 -8.27
N ILE B 168 -23.77 10.32 -8.99
CA ILE B 168 -23.09 9.67 -10.12
C ILE B 168 -22.89 10.70 -11.23
N ARG B 169 -23.94 11.44 -11.55
CA ARG B 169 -23.86 12.48 -12.57
C ARG B 169 -22.75 13.49 -12.26
N LEU B 170 -22.67 13.89 -10.98
CA LEU B 170 -21.65 14.85 -10.51
C LEU B 170 -20.24 14.24 -10.56
N GLY B 171 -20.14 12.98 -10.15
CA GLY B 171 -18.85 12.30 -10.20
C GLY B 171 -18.41 12.26 -11.65
N LEU B 172 -19.34 11.94 -12.55
CA LEU B 172 -19.04 11.91 -13.97
C LEU B 172 -18.61 13.28 -14.50
N ALA B 173 -19.38 14.31 -14.18
CA ALA B 173 -19.03 15.65 -14.62
C ALA B 173 -17.70 16.09 -14.01
N LEU B 174 -17.44 15.70 -12.77
CA LEU B 174 -16.15 16.07 -12.15
C LEU B 174 -15.00 15.48 -12.96
N ASN B 175 -15.01 14.17 -13.12
CA ASN B 175 -13.95 13.49 -13.86
C ASN B 175 -13.87 13.92 -15.33
N PHE B 176 -14.99 14.23 -15.96
CA PHE B 176 -14.94 14.69 -17.34
C PHE B 176 -14.22 16.04 -17.42
N SER B 177 -14.35 16.87 -16.37
CA SER B 177 -13.66 18.16 -16.37
C SER B 177 -12.16 17.97 -16.16
N VAL B 178 -11.80 16.98 -15.35
CA VAL B 178 -10.38 16.68 -15.14
C VAL B 178 -9.80 16.27 -16.49
N PHE B 179 -10.59 15.53 -17.25
CA PHE B 179 -10.20 15.10 -18.57
C PHE B 179 -9.88 16.31 -19.45
N HIS B 180 -10.80 17.27 -19.51
CA HIS B 180 -10.57 18.47 -20.31
C HIS B 180 -9.31 19.22 -19.93
N TYR B 181 -9.11 19.45 -18.64
CA TYR B 181 -7.95 20.18 -18.16
C TYR B 181 -6.61 19.45 -18.29
N GLU B 182 -6.49 18.27 -17.68
CA GLU B 182 -5.23 17.52 -17.69
C GLU B 182 -4.93 16.63 -18.90
N ILE B 183 -5.93 16.27 -19.69
CA ILE B 183 -5.70 15.37 -20.83
C ILE B 183 -5.91 15.99 -22.22
N ALA B 184 -7.07 16.59 -22.43
CA ALA B 184 -7.42 17.21 -23.70
C ALA B 184 -6.83 18.59 -23.88
N ASN B 185 -6.06 19.05 -22.89
CA ASN B 185 -5.43 20.37 -22.92
C ASN B 185 -6.38 21.55 -23.21
N SER B 186 -7.58 21.50 -22.66
CA SER B 186 -8.54 22.58 -22.83
C SER B 186 -9.04 23.09 -21.48
N PRO B 187 -8.25 23.95 -20.83
CA PRO B 187 -8.55 24.53 -19.52
C PRO B 187 -9.87 25.30 -19.52
N GLU B 188 -10.12 25.99 -20.63
CA GLU B 188 -11.34 26.76 -20.81
C GLU B 188 -12.58 25.91 -20.54
N GLU B 189 -12.70 24.85 -21.33
CA GLU B 189 -13.83 23.92 -21.24
C GLU B 189 -13.96 23.25 -19.88
N ALA B 190 -12.83 22.86 -19.31
CA ALA B 190 -12.83 22.21 -18.00
C ALA B 190 -13.46 23.11 -16.93
N ILE B 191 -12.99 24.35 -16.90
CA ILE B 191 -13.46 25.34 -15.94
C ILE B 191 -14.95 25.63 -16.08
N SER B 192 -15.43 25.87 -17.30
CA SER B 192 -16.85 26.16 -17.47
C SER B 192 -17.76 24.99 -17.10
N LEU B 193 -17.36 23.76 -17.43
CA LEU B 193 -18.17 22.58 -17.07
C LEU B 193 -18.18 22.36 -15.56
N ALA B 194 -17.03 22.53 -14.94
CA ALA B 194 -16.93 22.38 -13.49
C ALA B 194 -17.76 23.46 -12.77
N LYS B 195 -17.73 24.67 -13.32
CA LYS B 195 -18.47 25.77 -12.74
C LYS B 195 -19.97 25.62 -12.98
N THR B 196 -20.30 25.22 -14.20
CA THR B 196 -21.68 25.01 -14.61
C THR B 196 -22.31 23.82 -13.87
N THR B 197 -21.49 22.82 -13.56
CA THR B 197 -21.97 21.64 -12.85
C THR B 197 -22.21 21.99 -11.40
N PHE B 198 -21.33 22.83 -10.88
CA PHE B 198 -21.42 23.26 -9.49
C PHE B 198 -22.66 24.12 -9.23
N ASP B 199 -22.83 25.15 -10.05
CA ASP B 199 -23.97 26.05 -9.91
C ASP B 199 -25.31 25.34 -10.01
N GLU B 200 -25.50 24.57 -11.07
CA GLU B 200 -26.75 23.85 -11.25
C GLU B 200 -26.96 22.84 -10.13
N ALA B 201 -25.87 22.48 -9.47
CA ALA B 201 -25.94 21.59 -8.33
C ALA B 201 -26.43 22.35 -7.11
N MET B 202 -25.78 23.47 -6.81
CA MET B 202 -26.19 24.31 -5.68
C MET B 202 -27.66 24.69 -5.80
N ALA B 203 -28.02 25.23 -6.95
CA ALA B 203 -29.37 25.67 -7.27
C ALA B 203 -30.45 24.60 -7.05
N ASP B 204 -30.05 23.43 -6.58
CA ASP B 204 -30.99 22.34 -6.33
C ASP B 204 -30.75 21.64 -5.01
N LEU B 205 -29.60 21.94 -4.41
CA LEU B 205 -29.21 21.32 -3.14
C LEU B 205 -30.35 21.22 -2.13
N HIS B 206 -31.30 22.13 -2.22
CA HIS B 206 -32.45 22.13 -1.31
C HIS B 206 -33.33 20.90 -1.52
N THR B 207 -33.49 20.10 -0.47
CA THR B 207 -34.29 18.88 -0.55
C THR B 207 -33.63 17.88 -1.50
N LEU B 208 -32.35 17.63 -1.25
CA LEU B 208 -31.58 16.68 -2.05
C LEU B 208 -31.65 15.31 -1.42
N SER B 209 -32.49 15.19 -0.41
CA SER B 209 -32.70 13.94 0.32
C SER B 209 -31.43 13.39 0.97
N GLU B 210 -31.55 13.01 2.24
CA GLU B 210 -30.43 12.47 3.01
C GLU B 210 -29.88 11.21 2.35
N ASP B 211 -30.49 10.83 1.24
CA ASP B 211 -30.11 9.64 0.49
C ASP B 211 -28.67 9.70 -0.05
N SER B 212 -28.45 10.57 -1.02
CA SER B 212 -27.13 10.72 -1.62
C SER B 212 -26.47 12.03 -1.23
N TYR B 213 -26.99 12.62 -0.15
CA TYR B 213 -26.48 13.90 0.34
C TYR B 213 -24.96 13.92 0.55
N LYS B 214 -24.47 13.04 1.42
CA LYS B 214 -23.05 12.97 1.72
C LYS B 214 -22.16 12.87 0.49
N ASP B 215 -22.53 12.02 -0.46
CA ASP B 215 -21.75 11.84 -1.70
C ASP B 215 -21.71 13.08 -2.59
N SER B 216 -22.87 13.56 -3.02
CA SER B 216 -22.88 14.73 -3.88
C SER B 216 -22.20 15.93 -3.23
N THR B 217 -22.34 16.05 -1.91
CA THR B 217 -21.71 17.13 -1.16
C THR B 217 -20.20 17.09 -1.26
N LEU B 218 -19.62 15.90 -1.16
CA LEU B 218 -18.18 15.73 -1.26
C LEU B 218 -17.64 16.01 -2.67
N ILE B 219 -18.41 15.61 -3.68
CA ILE B 219 -18.01 15.84 -5.07
C ILE B 219 -18.11 17.34 -5.41
N MET B 220 -19.12 17.99 -4.84
CA MET B 220 -19.28 19.42 -5.05
C MET B 220 -18.07 20.16 -4.50
N GLN B 221 -17.55 19.68 -3.37
CA GLN B 221 -16.35 20.32 -2.83
C GLN B 221 -15.16 20.06 -3.73
N LEU B 222 -15.05 18.84 -4.26
CA LEU B 222 -13.96 18.51 -5.17
C LEU B 222 -14.00 19.41 -6.40
N LEU B 223 -15.21 19.70 -6.88
CA LEU B 223 -15.35 20.59 -8.04
C LEU B 223 -14.76 21.96 -7.74
N ARG B 224 -15.05 22.47 -6.53
CA ARG B 224 -14.54 23.76 -6.11
C ARG B 224 -13.03 23.75 -5.99
N ASP B 225 -12.49 22.74 -5.32
CA ASP B 225 -11.03 22.67 -5.21
C ASP B 225 -10.38 22.76 -6.58
N ASN B 226 -10.92 22.02 -7.55
CA ASN B 226 -10.39 22.08 -8.90
C ASN B 226 -10.51 23.48 -9.51
N LEU B 227 -11.68 24.08 -9.40
CA LEU B 227 -11.86 25.44 -9.93
C LEU B 227 -10.79 26.39 -9.38
N THR B 228 -10.52 26.26 -8.08
CA THR B 228 -9.50 27.10 -7.44
C THR B 228 -8.11 26.82 -7.99
N LEU B 229 -7.73 25.56 -8.01
CA LEU B 229 -6.43 25.16 -8.54
C LEU B 229 -6.25 25.54 -10.02
N TRP B 230 -7.33 25.42 -10.80
CA TRP B 230 -7.27 25.72 -12.22
C TRP B 230 -7.17 27.22 -12.55
N THR B 231 -7.72 28.06 -11.69
CA THR B 231 -7.67 29.50 -11.90
C THR B 231 -6.49 30.14 -11.18
N SER C 4 2.44 -2.96 20.93
CA SER C 4 3.83 -2.69 21.41
C SER C 4 4.66 -2.10 20.29
N HIS C 5 5.65 -1.30 20.65
CA HIS C 5 6.51 -0.67 19.67
C HIS C 5 7.75 -1.48 19.33
N SEP C 6 8.04 -1.55 18.04
CA SEP C 6 9.21 -2.26 17.54
CB SEP C 6 8.75 -3.55 16.88
OG SEP C 6 8.22 -3.33 15.58
C SEP C 6 9.98 -1.39 16.57
O SEP C 6 9.43 -0.43 16.02
P SEP C 6 7.66 -4.47 14.94
O1P SEP C 6 6.75 -5.30 15.99
O2P SEP C 6 8.87 -5.40 14.41
O3P SEP C 6 6.75 -3.98 13.71
N TYR C 7 11.25 -1.69 16.36
CA TYR C 7 12.07 -0.89 15.46
C TYR C 7 12.90 -1.72 14.50
N PRO C 8 12.89 -1.34 13.21
CA PRO C 8 12.15 -0.21 12.63
C PRO C 8 10.62 -0.40 12.70
N ALA C 9 9.88 0.68 12.49
CA ALA C 9 8.42 0.64 12.54
C ALA C 9 7.75 0.44 11.18
N MET D 1 0.21 23.52 -11.27
CA MET D 1 -0.75 22.38 -11.35
C MET D 1 -0.33 21.18 -10.52
N ALA D 2 -0.95 21.03 -9.36
CA ALA D 2 -0.63 19.92 -8.46
C ALA D 2 -1.67 18.80 -8.49
N ARG D 3 -1.97 18.31 -9.70
CA ARG D 3 -2.95 17.24 -9.89
C ARG D 3 -4.33 17.56 -9.33
N SER D 4 -5.30 17.66 -10.22
CA SER D 4 -6.66 17.95 -9.78
C SER D 4 -7.30 16.73 -9.14
N HIS D 5 -8.46 16.93 -8.53
CA HIS D 5 -9.19 15.87 -7.85
C HIS D 5 -10.23 15.21 -8.75
N SEP D 6 -10.34 13.89 -8.62
CA SEP D 6 -11.30 13.09 -9.36
CB SEP D 6 -10.55 12.22 -10.37
OG SEP D 6 -9.76 11.23 -9.72
C SEP D 6 -12.09 12.24 -8.37
O SEP D 6 -11.68 12.11 -7.22
P SEP D 6 -8.88 10.39 -10.51
O1P SEP D 6 -7.90 11.30 -11.40
O2P SEP D 6 -9.76 9.45 -11.48
O3P SEP D 6 -8.03 9.51 -9.49
N TYR D 7 -13.20 11.67 -8.79
CA TYR D 7 -14.00 10.85 -7.89
C TYR D 7 -14.38 9.52 -8.50
N PRO D 8 -14.25 8.41 -7.73
CA PRO D 8 -13.77 8.34 -6.35
C PRO D 8 -12.28 8.70 -6.21
N ALA D 9 -11.81 8.93 -4.99
CA ALA D 9 -10.41 9.30 -4.77
C ALA D 9 -9.56 8.18 -4.16
CA CA E . -15.45 -12.48 -18.80
#